data_3KEA
#
_entry.id   3KEA
#
_cell.length_a   95.107
_cell.length_b   110.263
_cell.length_c   86.259
_cell.angle_alpha   90.00
_cell.angle_beta   90.00
_cell.angle_gamma   90.00
#
_symmetry.space_group_name_H-M   'P 21 21 2'
#
loop_
_entity.id
_entity.type
_entity.pdbx_description
1 polymer K1L
2 water water
#
_entity_poly.entity_id   1
_entity_poly.type   'polypeptide(L)'
_entity_poly.pdbx_seq_one_letter_code
;G(MSE)DLSRINTWKSKQLKSFLSSKDTFKADVHGHSASYYAIADNNVRLVCTLLNAGALKNLLENEFPLHQAATLEDTK
IVKILLFSGLDDSQFDDKGNTALYYAVDSGN(MSE)QTVKLFVKKNWRL(MSE)FYGKTGWKTSFYHAV(MSE)LNDVSI
VSYFLSEIPSTFDLAILLSCIHITIKNGHVD(MSE)(MSE)ILLLDY(MSE)TSTNTNNSLLFIPDIKLAIDNKDIE
(MSE)LQALFKYDINIYSANLENVLLDDAEIAK(MSE)IIEKHVEYKSDSYTKDLDIVKNNKLDEIISKNKELRL(MSE)
YVNCVKKN
;
_entity_poly.pdbx_strand_id   A,B
#
# COMPACT_ATOMS: atom_id res chain seq x y z
N GLY A 1 -14.84 -36.92 -34.24
CA GLY A 1 -14.68 -36.33 -32.88
C GLY A 1 -15.77 -35.31 -32.56
N ASP A 3 -18.04 -32.36 -30.84
CA ASP A 3 -17.75 -30.98 -30.50
C ASP A 3 -19.02 -30.25 -30.09
N LEU A 4 -19.11 -29.87 -28.82
CA LEU A 4 -20.34 -29.32 -28.28
C LEU A 4 -20.30 -27.80 -28.11
N SER A 5 -19.23 -27.18 -28.62
CA SER A 5 -18.94 -25.77 -28.33
C SER A 5 -19.98 -24.79 -28.88
N ARG A 6 -20.80 -25.25 -29.83
CA ARG A 6 -21.79 -24.39 -30.44
C ARG A 6 -23.18 -24.58 -29.89
N ILE A 7 -23.29 -25.42 -28.88
CA ILE A 7 -24.55 -25.86 -28.33
C ILE A 7 -25.50 -24.75 -27.98
N ASN A 8 -24.98 -23.55 -27.75
CA ASN A 8 -25.78 -22.46 -27.30
C ASN A 8 -26.55 -21.89 -28.48
N THR A 9 -26.18 -22.32 -29.66
CA THR A 9 -26.90 -21.99 -30.88
C THR A 9 -27.95 -23.00 -31.30
N TRP A 10 -27.86 -24.22 -30.79
CA TRP A 10 -28.70 -25.30 -31.24
C TRP A 10 -30.16 -25.00 -31.04
N LYS A 11 -31.00 -25.63 -31.85
CA LYS A 11 -32.42 -25.55 -31.63
C LYS A 11 -32.93 -26.82 -31.04
N SER A 12 -34.21 -26.83 -30.72
CA SER A 12 -34.73 -27.76 -29.76
C SER A 12 -34.61 -29.13 -30.30
N LYS A 13 -34.68 -29.22 -31.61
CA LYS A 13 -34.73 -30.50 -32.24
C LYS A 13 -33.41 -31.17 -32.16
N GLN A 14 -32.35 -30.45 -32.49
CA GLN A 14 -31.02 -30.96 -32.34
C GLN A 14 -30.71 -31.20 -30.90
N LEU A 15 -31.14 -30.30 -30.05
CA LEU A 15 -30.90 -30.47 -28.62
C LEU A 15 -31.64 -31.68 -28.06
N LYS A 16 -32.94 -31.75 -28.35
CA LYS A 16 -33.80 -32.85 -27.88
C LYS A 16 -33.27 -34.23 -28.35
N SER A 17 -32.74 -34.26 -29.57
CA SER A 17 -32.13 -35.45 -30.11
C SER A 17 -30.82 -35.83 -29.39
N PHE A 18 -29.95 -34.85 -29.16
CA PHE A 18 -28.69 -35.06 -28.42
C PHE A 18 -28.92 -35.52 -26.98
N LEU A 19 -29.92 -34.95 -26.32
CA LEU A 19 -30.24 -35.34 -24.96
C LEU A 19 -30.80 -36.77 -24.84
N SER A 20 -31.34 -37.28 -25.95
CA SER A 20 -31.75 -38.68 -26.05
C SER A 20 -30.59 -39.63 -26.32
N SER A 21 -29.52 -39.12 -26.91
CA SER A 21 -28.38 -39.93 -27.31
C SER A 21 -27.60 -40.48 -26.11
N LYS A 22 -26.70 -41.40 -26.38
CA LYS A 22 -25.87 -41.92 -25.34
C LYS A 22 -24.74 -40.97 -25.01
N ASP A 23 -24.61 -39.92 -25.80
CA ASP A 23 -23.50 -38.97 -25.73
C ASP A 23 -23.80 -37.76 -24.86
N THR A 24 -24.97 -37.76 -24.29
CA THR A 24 -25.49 -36.61 -23.68
C THR A 24 -24.67 -35.98 -22.55
N PHE A 25 -23.95 -36.80 -21.79
CA PHE A 25 -23.16 -36.35 -20.65
C PHE A 25 -21.64 -36.60 -20.78
N LYS A 26 -21.18 -36.86 -22.00
CA LYS A 26 -19.76 -37.03 -22.28
C LYS A 26 -19.11 -35.66 -22.45
N ALA A 27 -17.80 -35.61 -22.22
CA ALA A 27 -16.98 -34.45 -22.57
C ALA A 27 -16.62 -34.51 -24.08
N ASP A 28 -16.55 -33.36 -24.75
CA ASP A 28 -16.19 -33.36 -26.18
C ASP A 28 -14.67 -33.41 -26.45
N VAL A 29 -14.26 -33.12 -27.69
CA VAL A 29 -12.82 -33.14 -28.11
C VAL A 29 -12.00 -32.05 -27.42
N HIS A 30 -12.68 -30.99 -26.97
CA HIS A 30 -12.02 -29.92 -26.22
C HIS A 30 -11.98 -30.23 -24.73
N GLY A 31 -12.63 -31.33 -24.33
CA GLY A 31 -12.69 -31.73 -22.92
C GLY A 31 -13.82 -31.14 -22.10
N HIS A 32 -14.86 -30.62 -22.74
CA HIS A 32 -15.97 -30.02 -22.00
C HIS A 32 -17.32 -30.66 -22.28
N SER A 33 -18.15 -30.75 -21.27
CA SER A 33 -19.50 -31.21 -21.45
C SER A 33 -20.45 -30.07 -21.86
N ALA A 34 -21.69 -30.43 -22.17
CA ALA A 34 -22.73 -29.48 -22.54
C ALA A 34 -23.03 -28.47 -21.43
N SER A 35 -23.11 -28.95 -20.17
CA SER A 35 -23.37 -28.08 -19.03
C SER A 35 -22.29 -27.01 -18.90
N TYR A 36 -21.02 -27.40 -19.10
CA TYR A 36 -19.91 -26.46 -19.13
C TYR A 36 -20.14 -25.27 -20.09
N TYR A 37 -20.53 -25.56 -21.34
CA TYR A 37 -20.75 -24.50 -22.35
C TYR A 37 -21.96 -23.63 -22.04
N ALA A 38 -23.02 -24.25 -21.53
CA ALA A 38 -24.24 -23.56 -21.14
C ALA A 38 -23.94 -22.57 -20.03
N ILE A 39 -23.17 -23.05 -19.05
CA ILE A 39 -22.80 -22.24 -17.90
C ILE A 39 -21.91 -21.09 -18.34
N ALA A 40 -20.87 -21.38 -19.13
CA ALA A 40 -19.93 -20.38 -19.59
C ALA A 40 -20.62 -19.21 -20.31
N ASP A 41 -21.69 -19.52 -21.06
CA ASP A 41 -22.52 -18.56 -21.79
C ASP A 41 -23.58 -17.84 -20.95
N ASN A 42 -23.66 -18.17 -19.67
CA ASN A 42 -24.78 -17.76 -18.80
C ASN A 42 -26.15 -18.10 -19.43
N ASN A 43 -26.23 -19.27 -20.06
CA ASN A 43 -27.46 -19.73 -20.69
C ASN A 43 -28.30 -20.50 -19.68
N VAL A 44 -28.97 -19.73 -18.82
CA VAL A 44 -29.78 -20.25 -17.74
C VAL A 44 -30.82 -21.24 -18.22
N ARG A 45 -31.57 -20.89 -19.27
CA ARG A 45 -32.60 -21.75 -19.85
C ARG A 45 -32.04 -23.08 -20.35
N LEU A 46 -30.92 -23.05 -21.04
CA LEU A 46 -30.27 -24.30 -21.46
C LEU A 46 -29.67 -25.10 -20.28
N VAL A 47 -29.01 -24.44 -19.32
CA VAL A 47 -28.54 -25.12 -18.10
C VAL A 47 -29.66 -25.94 -17.46
N CYS A 48 -30.83 -25.32 -17.29
CA CYS A 48 -31.99 -25.94 -16.69
C CYS A 48 -32.54 -27.11 -17.47
N THR A 49 -32.59 -26.98 -18.78
CA THR A 49 -32.96 -28.08 -19.66
C THR A 49 -31.99 -29.25 -19.46
N LEU A 50 -30.69 -28.97 -19.39
CA LEU A 50 -29.68 -29.98 -19.10
C LEU A 50 -29.85 -30.60 -17.70
N LEU A 51 -30.16 -29.80 -16.69
CA LEU A 51 -30.45 -30.32 -15.36
C LEU A 51 -31.66 -31.25 -15.37
N ASN A 52 -32.74 -30.81 -16.04
CA ASN A 52 -33.96 -31.61 -16.18
C ASN A 52 -33.69 -32.95 -16.85
N ALA A 53 -32.70 -33.01 -17.73
CA ALA A 53 -32.35 -34.29 -18.38
C ALA A 53 -31.41 -35.16 -17.56
N GLY A 54 -30.94 -34.66 -16.41
CA GLY A 54 -30.11 -35.45 -15.50
C GLY A 54 -28.62 -35.13 -15.53
N ALA A 55 -28.26 -33.94 -15.98
CA ALA A 55 -26.83 -33.57 -16.07
C ALA A 55 -26.02 -33.72 -14.75
N LEU A 56 -26.63 -33.40 -13.62
CA LEU A 56 -25.96 -33.42 -12.31
C LEU A 56 -25.74 -34.80 -11.67
N LYS A 57 -26.35 -35.83 -12.23
CA LYS A 57 -26.20 -37.19 -11.74
C LYS A 57 -25.16 -37.87 -12.57
N ASN A 58 -24.68 -37.17 -13.58
CA ASN A 58 -23.72 -37.69 -14.55
C ASN A 58 -22.46 -36.82 -14.69
N LEU A 59 -22.06 -36.17 -13.60
CA LEU A 59 -20.89 -35.30 -13.63
C LEU A 59 -19.62 -36.14 -13.74
N LEU A 60 -18.68 -35.71 -14.58
CA LEU A 60 -17.38 -36.34 -14.65
C LEU A 60 -16.47 -35.83 -13.52
N GLU A 61 -15.36 -36.52 -13.29
CA GLU A 61 -14.47 -36.24 -12.13
C GLU A 61 -13.93 -34.82 -12.05
N ASN A 62 -13.63 -34.24 -13.21
CA ASN A 62 -13.06 -32.88 -13.28
C ASN A 62 -14.10 -31.77 -13.44
N GLU A 63 -15.38 -32.08 -13.29
CA GLU A 63 -16.48 -31.11 -13.44
C GLU A 63 -16.92 -30.51 -12.13
N PHE A 64 -16.76 -29.19 -12.00
CA PHE A 64 -17.19 -28.44 -10.82
C PHE A 64 -18.07 -27.26 -11.22
N PRO A 65 -19.36 -27.54 -11.52
CA PRO A 65 -20.31 -26.52 -12.04
C PRO A 65 -20.54 -25.31 -11.12
N LEU A 66 -20.52 -25.53 -9.82
CA LEU A 66 -20.79 -24.45 -8.88
C LEU A 66 -19.60 -23.47 -8.90
N HIS A 67 -18.39 -24.01 -8.92
CA HIS A 67 -17.17 -23.23 -9.01
C HIS A 67 -17.15 -22.43 -10.31
N GLN A 68 -17.65 -23.04 -11.38
CA GLN A 68 -17.75 -22.35 -12.64
C GLN A 68 -18.83 -21.27 -12.60
N ALA A 69 -20.01 -21.60 -12.10
CA ALA A 69 -21.08 -20.61 -12.01
C ALA A 69 -20.74 -19.40 -11.13
N ALA A 70 -19.87 -19.60 -10.11
CA ALA A 70 -19.42 -18.52 -9.22
C ALA A 70 -18.63 -17.40 -9.93
N THR A 71 -18.04 -17.71 -11.10
CA THR A 71 -17.35 -16.68 -11.90
C THR A 71 -18.32 -15.84 -12.72
N LEU A 72 -19.60 -16.17 -12.74
CA LEU A 72 -20.59 -15.40 -13.49
C LEU A 72 -21.13 -14.27 -12.62
N GLU A 73 -21.35 -13.09 -13.21
CA GLU A 73 -21.93 -11.94 -12.50
C GLU A 73 -23.38 -12.14 -12.10
N ASP A 74 -24.20 -12.69 -13.02
CA ASP A 74 -25.57 -13.21 -12.74
C ASP A 74 -25.50 -14.42 -11.79
N THR A 75 -26.11 -14.31 -10.63
CA THR A 75 -26.03 -15.36 -9.60
C THR A 75 -27.03 -16.50 -9.81
N LYS A 76 -27.84 -16.38 -10.86
CA LYS A 76 -29.02 -17.23 -11.06
C LYS A 76 -28.67 -18.71 -11.14
N ILE A 77 -27.71 -19.09 -11.97
CA ILE A 77 -27.23 -20.47 -12.04
C ILE A 77 -26.71 -20.97 -10.69
N VAL A 78 -25.98 -20.13 -9.94
CA VAL A 78 -25.54 -20.51 -8.58
C VAL A 78 -26.78 -20.85 -7.73
N LYS A 79 -27.80 -20.00 -7.77
CA LYS A 79 -29.07 -20.31 -7.09
C LYS A 79 -29.63 -21.62 -7.57
N ILE A 80 -29.69 -21.81 -8.89
CA ILE A 80 -30.27 -23.04 -9.45
C ILE A 80 -29.53 -24.28 -8.93
N LEU A 81 -28.19 -24.26 -9.01
CA LEU A 81 -27.32 -25.40 -8.63
C LEU A 81 -27.40 -25.76 -7.15
N LEU A 82 -27.56 -24.75 -6.29
CA LEU A 82 -27.79 -24.97 -4.86
C LEU A 82 -29.17 -25.57 -4.59
N PHE A 83 -30.19 -25.12 -5.32
CA PHE A 83 -31.54 -25.76 -5.26
C PHE A 83 -31.49 -27.23 -5.69
N SER A 84 -30.61 -27.54 -6.63
CA SER A 84 -30.46 -28.88 -7.12
C SER A 84 -29.68 -29.76 -6.16
N GLY A 85 -29.17 -29.17 -5.09
CA GLY A 85 -28.48 -29.96 -4.07
C GLY A 85 -26.97 -30.07 -4.16
N LEU A 86 -26.31 -29.24 -4.99
CA LEU A 86 -24.82 -29.15 -4.94
C LEU A 86 -24.31 -28.64 -3.58
N ASP A 87 -23.17 -29.17 -3.17
CA ASP A 87 -22.53 -28.81 -1.90
C ASP A 87 -21.65 -27.57 -2.00
N ASP A 88 -22.03 -26.50 -1.29
CA ASP A 88 -21.33 -25.23 -1.32
C ASP A 88 -19.91 -25.27 -0.75
N SER A 89 -19.56 -26.32 -0.02
CA SER A 89 -18.25 -26.38 0.62
C SER A 89 -17.26 -27.31 -0.08
N GLN A 90 -17.68 -27.86 -1.21
CA GLN A 90 -16.86 -28.83 -1.95
C GLN A 90 -15.61 -28.16 -2.50
N PHE A 91 -14.48 -28.86 -2.43
CA PHE A 91 -13.25 -28.36 -3.05
C PHE A 91 -13.16 -28.84 -4.47
N ASP A 92 -12.52 -28.08 -5.34
CA ASP A 92 -12.24 -28.54 -6.69
C ASP A 92 -10.87 -29.23 -6.77
N ASP A 93 -10.37 -29.45 -7.98
CA ASP A 93 -9.07 -30.05 -8.22
C ASP A 93 -7.89 -29.20 -7.73
N LYS A 94 -8.20 -27.98 -7.27
CA LYS A 94 -7.17 -27.09 -6.74
C LYS A 94 -7.39 -26.76 -5.26
N GLY A 95 -8.32 -27.43 -4.60
CA GLY A 95 -8.56 -27.20 -3.19
C GLY A 95 -9.35 -25.94 -2.89
N ASN A 96 -10.07 -25.41 -3.87
CA ASN A 96 -10.80 -24.18 -3.66
C ASN A 96 -12.28 -24.44 -3.62
N THR A 97 -12.99 -23.61 -2.85
CA THR A 97 -14.45 -23.60 -2.83
C THR A 97 -15.00 -22.75 -4.00
N ALA A 98 -16.31 -22.78 -4.23
CA ALA A 98 -16.94 -21.87 -5.18
C ALA A 98 -16.82 -20.41 -4.71
N LEU A 99 -16.90 -20.17 -3.41
CA LEU A 99 -16.71 -18.82 -2.86
C LEU A 99 -15.34 -18.20 -3.26
N TYR A 100 -14.31 -19.02 -3.30
CA TYR A 100 -12.98 -18.58 -3.69
C TYR A 100 -12.99 -17.91 -5.08
N TYR A 101 -13.77 -18.49 -5.99
CA TYR A 101 -13.85 -18.00 -7.36
C TYR A 101 -14.74 -16.80 -7.47
N ALA A 102 -15.73 -16.69 -6.59
CA ALA A 102 -16.53 -15.46 -6.52
C ALA A 102 -15.60 -14.34 -6.05
N VAL A 103 -14.74 -14.60 -5.08
CA VAL A 103 -13.78 -13.56 -4.65
C VAL A 103 -12.84 -13.20 -5.79
N ASP A 104 -12.25 -14.22 -6.42
CA ASP A 104 -11.25 -14.08 -7.48
C ASP A 104 -11.81 -13.36 -8.71
N SER A 105 -13.10 -13.48 -8.93
CA SER A 105 -13.80 -12.80 -10.05
C SER A 105 -14.33 -11.44 -9.63
N GLY A 106 -14.21 -11.13 -8.35
CA GLY A 106 -14.79 -9.94 -7.77
C GLY A 106 -16.30 -9.87 -7.90
N ASN A 107 -17.01 -10.99 -7.71
CA ASN A 107 -18.49 -10.93 -7.79
C ASN A 107 -19.15 -10.77 -6.40
N GLN A 109 -22.10 -9.91 -5.27
CA GLN A 109 -23.44 -10.52 -5.07
C GLN A 109 -23.37 -12.01 -4.85
N THR A 110 -22.46 -12.68 -5.54
CA THR A 110 -22.19 -14.09 -5.29
C THR A 110 -21.44 -14.33 -3.98
N VAL A 111 -20.47 -13.47 -3.65
CA VAL A 111 -19.88 -13.47 -2.32
C VAL A 111 -20.99 -13.39 -1.26
N LYS A 112 -21.87 -12.38 -1.33
CA LYS A 112 -22.94 -12.20 -0.32
C LYS A 112 -23.90 -13.41 -0.23
N LEU A 113 -24.09 -14.08 -1.35
CA LEU A 113 -24.99 -15.24 -1.45
C LEU A 113 -24.50 -16.43 -0.63
N PHE A 114 -23.21 -16.74 -0.78
CA PHE A 114 -22.61 -17.89 -0.11
C PHE A 114 -22.44 -17.61 1.38
N VAL A 115 -22.14 -16.35 1.70
CA VAL A 115 -21.87 -15.96 3.09
C VAL A 115 -23.14 -15.85 3.95
N LYS A 116 -24.25 -15.39 3.36
CA LYS A 116 -25.54 -15.39 4.05
C LYS A 116 -26.03 -16.81 4.26
N LYS A 117 -25.65 -17.70 3.36
CA LYS A 117 -25.97 -19.12 3.51
C LYS A 117 -25.21 -19.72 4.70
N ASN A 118 -23.92 -19.42 4.79
CA ASN A 118 -23.03 -20.06 5.74
C ASN A 118 -21.73 -19.28 5.81
N TRP A 119 -21.60 -18.44 6.83
CA TRP A 119 -20.45 -17.57 6.96
C TRP A 119 -19.12 -18.34 7.06
N ARG A 120 -19.16 -19.58 7.55
CA ARG A 120 -17.97 -20.40 7.74
C ARG A 120 -17.24 -20.73 6.44
N LEU A 121 -17.98 -20.67 5.32
CA LEU A 121 -17.45 -20.89 3.98
C LEU A 121 -16.22 -20.04 3.66
N PHE A 123 -13.78 -19.54 5.42
CA PHE A 123 -12.59 -20.10 6.03
C PHE A 123 -12.31 -21.55 5.63
N TYR A 124 -12.98 -22.02 4.59
CA TYR A 124 -12.77 -23.37 4.05
C TYR A 124 -11.79 -23.36 2.90
N GLY A 125 -10.84 -24.29 2.93
CA GLY A 125 -9.90 -24.50 1.82
C GLY A 125 -8.93 -25.61 2.18
N LYS A 126 -8.31 -26.24 1.18
CA LYS A 126 -7.30 -27.29 1.42
C LYS A 126 -6.22 -26.83 2.39
N THR A 127 -5.72 -25.60 2.20
CA THR A 127 -4.72 -24.97 3.06
C THR A 127 -5.20 -23.57 3.48
N GLY A 128 -4.60 -23.02 4.54
CA GLY A 128 -4.95 -21.67 4.99
C GLY A 128 -4.82 -20.64 3.87
N TRP A 129 -3.90 -20.88 2.97
CA TRP A 129 -3.66 -19.98 1.88
C TRP A 129 -4.62 -20.13 0.73
N LYS A 130 -5.49 -21.12 0.82
CA LYS A 130 -6.54 -21.31 -0.18
C LYS A 130 -7.94 -20.86 0.26
N THR A 131 -8.06 -20.30 1.48
CA THR A 131 -9.35 -19.80 1.96
C THR A 131 -9.77 -18.52 1.25
N SER A 132 -11.07 -18.34 1.08
CA SER A 132 -11.59 -17.14 0.47
C SER A 132 -11.19 -15.91 1.22
N PHE A 133 -11.27 -15.97 2.54
CA PHE A 133 -10.80 -14.86 3.37
C PHE A 133 -9.32 -14.47 3.07
N TYR A 134 -8.39 -15.41 3.13
CA TYR A 134 -6.99 -15.11 2.80
C TYR A 134 -6.81 -14.60 1.35
N HIS A 135 -7.52 -15.19 0.40
CA HIS A 135 -7.43 -14.77 -0.99
C HIS A 135 -7.87 -13.32 -1.19
N ALA A 136 -8.95 -12.90 -0.52
CA ALA A 136 -9.41 -11.49 -0.52
C ALA A 136 -8.38 -10.52 0.07
N VAL A 137 -7.75 -10.94 1.16
CA VAL A 137 -6.66 -10.21 1.77
C VAL A 137 -5.48 -10.13 0.81
N LEU A 139 -5.41 -10.22 -2.29
CA LEU A 139 -5.78 -9.45 -3.49
C LEU A 139 -5.88 -7.97 -3.18
N ASN A 140 -5.71 -7.64 -1.90
CA ASN A 140 -6.03 -6.33 -1.36
C ASN A 140 -7.43 -5.89 -1.78
N ASP A 141 -8.41 -6.79 -1.69
CA ASP A 141 -9.79 -6.39 -1.97
C ASP A 141 -10.52 -5.95 -0.69
N VAL A 142 -10.35 -4.68 -0.36
CA VAL A 142 -10.79 -4.14 0.92
C VAL A 142 -12.30 -4.24 1.11
N SER A 143 -13.07 -4.07 0.02
CA SER A 143 -14.53 -4.24 0.05
C SER A 143 -14.97 -5.62 0.46
N ILE A 144 -14.38 -6.65 -0.17
CA ILE A 144 -14.75 -8.01 0.18
C ILE A 144 -14.39 -8.32 1.65
N VAL A 145 -13.18 -7.95 2.07
CA VAL A 145 -12.75 -8.21 3.44
C VAL A 145 -13.58 -7.42 4.48
N SER A 146 -13.87 -6.18 4.16
CA SER A 146 -14.73 -5.39 5.03
C SER A 146 -16.09 -6.09 5.18
N TYR A 147 -16.58 -6.66 4.10
CA TYR A 147 -17.82 -7.39 4.14
C TYR A 147 -17.73 -8.68 4.98
N PHE A 148 -16.67 -9.47 4.73
CA PHE A 148 -16.40 -10.71 5.46
C PHE A 148 -16.35 -10.50 6.96
N LEU A 149 -15.61 -9.49 7.41
CA LEU A 149 -15.49 -9.20 8.84
C LEU A 149 -16.82 -8.82 9.51
N SER A 150 -17.69 -8.14 8.76
CA SER A 150 -18.98 -7.76 9.29
C SER A 150 -19.89 -8.99 9.48
N GLU A 151 -19.44 -10.15 9.00
CA GLU A 151 -20.24 -11.37 9.05
C GLU A 151 -19.64 -12.46 9.96
N ILE A 152 -18.49 -12.17 10.57
CA ILE A 152 -17.92 -13.06 11.58
C ILE A 152 -18.61 -12.82 12.93
N PRO A 153 -19.26 -13.85 13.50
CA PRO A 153 -19.91 -13.69 14.80
C PRO A 153 -18.88 -13.47 15.90
N SER A 154 -19.25 -12.68 16.89
CA SER A 154 -18.39 -12.42 18.04
C SER A 154 -17.93 -13.74 18.70
N THR A 155 -18.79 -14.77 18.66
CA THR A 155 -18.47 -16.11 19.19
C THR A 155 -17.28 -16.81 18.51
N PHE A 156 -16.68 -16.16 17.53
CA PHE A 156 -15.59 -16.75 16.77
C PHE A 156 -14.38 -15.84 16.81
N ASP A 157 -13.23 -16.46 16.92
CA ASP A 157 -11.96 -15.82 16.81
C ASP A 157 -11.36 -16.31 15.52
N LEU A 158 -10.93 -15.39 14.69
CA LEU A 158 -10.23 -15.71 13.45
C LEU A 158 -8.82 -16.32 13.68
N ALA A 159 -8.57 -17.48 13.10
CA ALA A 159 -7.35 -18.18 13.33
C ALA A 159 -6.22 -17.74 12.45
N ILE A 160 -6.53 -17.41 11.20
CA ILE A 160 -5.51 -17.25 10.16
C ILE A 160 -4.95 -15.84 10.16
N LEU A 161 -5.46 -15.05 11.08
CA LEU A 161 -5.07 -13.67 11.27
C LEU A 161 -3.57 -13.41 11.11
N LEU A 162 -2.73 -14.36 11.54
CA LEU A 162 -1.28 -14.25 11.44
C LEU A 162 -0.80 -14.07 10.02
N SER A 163 -1.20 -14.96 9.12
CA SER A 163 -0.65 -14.92 7.78
C SER A 163 -1.22 -13.75 6.96
N CYS A 164 -2.42 -13.30 7.35
CA CYS A 164 -3.08 -12.17 6.69
C CYS A 164 -2.29 -10.93 6.98
N ILE A 165 -1.87 -10.78 8.23
CA ILE A 165 -1.10 -9.63 8.64
C ILE A 165 0.26 -9.59 7.96
N HIS A 166 0.91 -10.75 7.89
CA HIS A 166 2.19 -10.84 7.19
C HIS A 166 2.10 -10.29 5.76
N ILE A 167 1.21 -10.85 4.97
CA ILE A 167 1.10 -10.51 3.55
C ILE A 167 0.74 -9.02 3.38
N THR A 168 -0.22 -8.53 4.17
CA THR A 168 -0.59 -7.14 4.24
C THR A 168 0.59 -6.19 4.53
N ILE A 169 1.34 -6.46 5.59
CA ILE A 169 2.50 -5.61 5.86
C ILE A 169 3.60 -5.81 4.79
N LYS A 170 3.90 -7.05 4.40
CA LYS A 170 4.92 -7.28 3.37
C LYS A 170 4.70 -6.42 2.12
N ASN A 171 3.44 -6.28 1.70
CA ASN A 171 3.09 -5.64 0.43
C ASN A 171 2.47 -4.25 0.52
N GLY A 172 2.50 -3.65 1.70
CA GLY A 172 2.19 -2.24 1.86
C GLY A 172 0.71 -1.84 1.82
N HIS A 173 -0.20 -2.74 2.24
CA HIS A 173 -1.64 -2.50 2.09
C HIS A 173 -2.24 -1.85 3.34
N VAL A 174 -2.06 -0.54 3.45
CA VAL A 174 -2.39 0.20 4.66
C VAL A 174 -3.84 0.09 5.07
N ASP A 175 -4.78 0.31 4.15
CA ASP A 175 -6.22 0.22 4.48
C ASP A 175 -6.65 -1.18 4.93
N ILE A 178 -5.44 -1.62 8.55
CA ILE A 178 -6.39 -0.84 9.37
C ILE A 178 -7.67 -1.64 9.69
N LEU A 179 -8.19 -2.33 8.67
CA LEU A 179 -9.31 -3.25 8.82
C LEU A 179 -9.01 -4.38 9.82
N LEU A 180 -7.88 -5.04 9.61
CA LEU A 180 -7.46 -6.15 10.46
C LEU A 180 -7.18 -5.69 11.89
N LEU A 181 -6.54 -4.53 12.03
CA LEU A 181 -6.30 -3.87 13.31
C LEU A 181 -7.56 -3.42 14.09
N ASP A 182 -8.55 -2.88 13.40
CA ASP A 182 -9.83 -2.54 14.03
C ASP A 182 -10.54 -3.80 14.52
N TYR A 183 -10.46 -4.86 13.71
CA TYR A 183 -10.99 -6.14 14.07
C TYR A 183 -10.27 -6.73 15.29
N THR A 185 -8.68 -5.13 17.62
CA THR A 185 -8.99 -4.26 18.76
C THR A 185 -10.41 -4.54 19.31
N SER A 186 -11.34 -4.75 18.39
CA SER A 186 -12.73 -5.04 18.71
C SER A 186 -12.94 -6.32 19.47
N THR A 187 -12.10 -7.31 19.18
CA THR A 187 -12.22 -8.66 19.73
C THR A 187 -11.09 -8.93 20.71
N ASN A 188 -10.46 -7.87 21.22
CA ASN A 188 -9.38 -8.05 22.17
C ASN A 188 -9.90 -8.34 23.58
N THR A 189 -10.47 -9.52 23.75
CA THR A 189 -11.15 -9.94 24.97
C THR A 189 -10.22 -10.05 26.19
N ASN A 190 -8.94 -10.35 25.94
CA ASN A 190 -7.92 -10.40 27.00
C ASN A 190 -7.35 -9.05 27.33
N ASN A 191 -7.77 -8.03 26.57
CA ASN A 191 -7.28 -6.66 26.77
C ASN A 191 -5.74 -6.57 26.89
N SER A 192 -5.05 -7.33 26.03
CA SER A 192 -3.59 -7.29 25.96
C SER A 192 -3.11 -6.35 24.84
N LEU A 193 -1.81 -6.13 24.76
CA LEU A 193 -1.22 -5.43 23.63
C LEU A 193 -1.33 -6.30 22.37
N LEU A 194 -1.55 -5.69 21.21
CA LEU A 194 -1.68 -6.47 19.98
C LEU A 194 -0.34 -7.04 19.49
N PHE A 195 -0.34 -8.32 19.25
CA PHE A 195 0.81 -9.00 18.76
C PHE A 195 0.87 -8.90 17.26
N ILE A 196 1.86 -8.17 16.77
CA ILE A 196 2.03 -7.97 15.37
C ILE A 196 3.36 -8.49 15.00
N PRO A 197 3.36 -9.67 14.46
CA PRO A 197 4.61 -10.29 14.06
C PRO A 197 5.48 -9.43 13.15
N ASP A 198 4.97 -8.85 12.09
CA ASP A 198 5.85 -8.36 11.07
C ASP A 198 6.18 -6.87 11.18
N ILE A 199 5.99 -6.36 12.37
CA ILE A 199 6.49 -5.04 12.73
C ILE A 199 7.91 -4.76 12.19
N LYS A 200 8.85 -5.67 12.38
CA LYS A 200 10.19 -5.46 11.86
C LYS A 200 10.24 -5.31 10.38
N LEU A 201 9.28 -5.89 9.70
CA LEU A 201 9.13 -5.74 8.24
C LEU A 201 8.78 -4.28 7.83
N ALA A 202 7.91 -3.64 8.59
CA ALA A 202 7.49 -2.29 8.22
C ALA A 202 8.58 -1.26 8.57
N ILE A 203 9.33 -1.55 9.65
CA ILE A 203 10.53 -0.79 10.01
C ILE A 203 11.60 -0.88 8.89
N ASP A 204 11.94 -2.09 8.41
CA ASP A 204 12.96 -2.24 7.37
C ASP A 204 12.61 -1.54 6.06
N ASN A 205 11.33 -1.55 5.73
CA ASN A 205 10.81 -0.91 4.52
C ASN A 205 10.66 0.60 4.72
N LYS A 206 10.58 1.00 5.99
CA LYS A 206 10.27 2.38 6.38
C LYS A 206 9.13 2.97 5.51
N ASP A 207 7.94 2.37 5.60
CA ASP A 207 6.73 2.86 4.99
C ASP A 207 6.08 3.78 6.02
N ILE A 208 6.24 5.10 5.85
CA ILE A 208 5.78 6.04 6.89
C ILE A 208 4.27 5.97 7.15
N GLU A 209 3.47 5.90 6.08
CA GLU A 209 2.01 5.73 6.28
C GLU A 209 1.65 4.42 7.01
N LEU A 211 3.63 2.61 9.10
CA LEU A 211 4.06 2.80 10.50
C LEU A 211 3.15 3.77 11.31
N GLN A 212 2.78 4.89 10.72
CA GLN A 212 1.86 5.79 11.41
C GLN A 212 0.52 5.14 11.73
N ALA A 213 -0.02 4.35 10.80
CA ALA A 213 -1.25 3.61 11.06
C ALA A 213 -1.07 2.51 12.11
N LEU A 214 0.02 1.74 12.03
CA LEU A 214 0.31 0.75 13.07
C LEU A 214 0.39 1.37 14.47
N PHE A 215 1.09 2.49 14.60
CA PHE A 215 1.32 3.13 15.90
C PHE A 215 0.11 3.85 16.49
N LYS A 216 -1.00 3.90 15.80
CA LYS A 216 -2.21 4.37 16.40
C LYS A 216 -2.92 3.38 17.27
N TYR A 217 -2.51 2.14 17.18
CA TYR A 217 -3.16 1.08 17.93
C TYR A 217 -2.27 0.62 19.12
N ASP A 218 -2.84 -0.12 20.04
CA ASP A 218 -2.09 -0.57 21.22
C ASP A 218 -1.25 -1.78 20.91
N ILE A 219 -0.26 -1.58 20.05
CA ILE A 219 0.54 -2.72 19.59
C ILE A 219 1.62 -3.09 20.58
N ASN A 220 1.97 -4.36 20.59
CA ASN A 220 3.07 -4.83 21.44
C ASN A 220 4.41 -4.43 20.84
N ILE A 221 5.01 -3.38 21.39
CA ILE A 221 6.29 -2.88 20.89
C ILE A 221 7.45 -3.62 21.55
N TYR A 222 7.12 -4.52 22.48
CA TYR A 222 8.13 -5.16 23.36
C TYR A 222 8.53 -6.55 22.93
N SER A 223 7.61 -7.27 22.34
CA SER A 223 7.85 -8.66 21.97
C SER A 223 8.45 -8.73 20.56
N ALA A 224 9.08 -7.65 20.15
CA ALA A 224 9.76 -7.60 18.89
C ALA A 224 11.25 -7.38 19.00
N ASN A 225 11.72 -7.05 20.17
CA ASN A 225 13.13 -6.86 20.31
C ASN A 225 13.52 -5.50 19.79
N LEU A 226 12.53 -4.63 19.67
CA LEU A 226 12.72 -3.39 18.95
C LEU A 226 13.81 -2.49 19.52
N GLU A 227 14.09 -2.61 20.80
CA GLU A 227 15.21 -1.89 21.40
C GLU A 227 16.48 -2.02 20.55
N ASN A 228 16.64 -3.16 19.93
CA ASN A 228 17.64 -3.38 18.91
C ASN A 228 17.76 -2.34 17.79
N VAL A 229 16.68 -1.65 17.50
CA VAL A 229 16.49 -0.87 16.29
C VAL A 229 16.47 0.64 16.65
N LEU A 230 16.58 0.93 17.95
CA LEU A 230 16.46 2.30 18.48
C LEU A 230 17.62 3.20 18.05
N LEU A 231 18.76 2.59 17.74
CA LEU A 231 19.91 3.35 17.30
C LEU A 231 20.05 3.29 15.78
N ASP A 232 19.08 2.70 15.11
CA ASP A 232 19.16 2.55 13.66
C ASP A 232 18.65 3.74 12.86
N ASP A 233 17.39 4.15 13.08
CA ASP A 233 16.75 5.19 12.30
C ASP A 233 15.89 6.02 13.25
N ALA A 234 16.12 7.33 13.23
CA ALA A 234 15.79 8.19 14.35
C ALA A 234 14.35 8.58 14.27
N GLU A 235 13.84 8.70 13.05
CA GLU A 235 12.44 8.98 12.84
C GLU A 235 11.59 7.84 13.41
N ILE A 236 12.02 6.61 13.15
CA ILE A 236 11.28 5.45 13.66
C ILE A 236 11.51 5.25 15.17
N ALA A 237 12.77 5.38 15.60
CA ALA A 237 13.11 5.26 17.00
C ALA A 237 12.27 6.21 17.86
N LYS A 238 12.04 7.39 17.37
CA LYS A 238 11.18 8.34 18.00
C LYS A 238 9.71 7.98 18.07
N ILE A 240 8.67 4.79 18.35
CA ILE A 240 8.69 3.72 19.37
C ILE A 240 8.73 4.31 20.79
N ILE A 241 9.65 5.24 21.00
CA ILE A 241 9.80 5.90 22.28
C ILE A 241 8.55 6.69 22.66
N GLU A 242 7.94 7.38 21.73
CA GLU A 242 6.69 8.01 22.01
C GLU A 242 5.64 7.03 22.49
N LYS A 243 5.63 5.85 21.95
CA LYS A 243 4.61 4.90 22.27
C LYS A 243 4.84 4.32 23.64
N HIS A 244 6.06 3.88 23.87
CA HIS A 244 6.55 3.42 25.12
C HIS A 244 6.29 4.39 26.22
N VAL A 245 6.52 5.64 25.96
CA VAL A 245 6.23 6.66 26.93
C VAL A 245 4.78 6.76 27.24
N GLU A 246 3.92 6.70 26.23
CA GLU A 246 2.52 6.65 26.48
C GLU A 246 2.06 5.42 27.22
N TYR A 247 2.66 4.28 26.94
CA TYR A 247 2.33 3.04 27.67
C TYR A 247 2.64 3.12 29.17
N LYS A 248 3.63 3.93 29.55
CA LYS A 248 3.99 4.12 30.93
C LYS A 248 3.05 5.11 31.64
N SER A 249 2.22 5.83 30.89
CA SER A 249 1.28 6.77 31.52
C SER A 249 -0.18 6.29 31.41
N ASP A 250 -0.43 5.29 30.58
CA ASP A 250 -1.79 4.83 30.31
C ASP A 250 -2.17 3.75 31.33
N SER A 251 -3.31 3.93 31.99
CA SER A 251 -3.71 2.97 33.03
C SER A 251 -4.03 1.61 32.41
N TYR A 252 -4.39 1.60 31.14
CA TYR A 252 -4.59 0.34 30.38
C TYR A 252 -3.29 -0.47 30.28
N THR A 253 -2.13 0.16 30.42
CA THR A 253 -0.85 -0.52 30.12
C THR A 253 0.24 -0.38 31.16
N LYS A 254 0.16 0.64 32.03
CA LYS A 254 1.31 1.02 32.85
C LYS A 254 1.69 -0.03 33.89
N ASP A 255 0.71 -0.80 34.34
CA ASP A 255 0.96 -1.86 35.31
C ASP A 255 1.07 -3.25 34.66
N LEU A 256 1.18 -3.32 33.33
CA LEU A 256 1.47 -4.61 32.65
C LEU A 256 2.90 -5.06 32.93
N ASP A 257 3.11 -6.36 32.94
CA ASP A 257 4.41 -6.88 33.28
C ASP A 257 5.37 -6.58 32.19
N ILE A 258 4.88 -6.60 30.97
CA ILE A 258 5.71 -6.42 29.81
C ILE A 258 6.26 -5.01 29.68
N VAL A 259 5.57 -4.08 30.29
CA VAL A 259 5.93 -2.68 30.35
C VAL A 259 6.88 -2.38 31.49
N LYS A 260 6.52 -2.80 32.70
CA LYS A 260 7.39 -2.79 33.87
C LYS A 260 8.75 -3.36 33.59
N ASN A 261 8.79 -4.59 33.16
CA ASN A 261 10.04 -5.24 32.96
C ASN A 261 10.42 -5.20 31.51
N ASN A 262 10.57 -4.00 30.97
CA ASN A 262 10.97 -3.84 29.56
C ASN A 262 12.47 -3.65 29.36
N LYS A 263 12.97 -3.98 28.19
CA LYS A 263 14.38 -3.87 27.85
C LYS A 263 14.76 -2.62 27.10
N LEU A 264 13.81 -1.72 26.95
CA LEU A 264 13.99 -0.46 26.23
C LEU A 264 14.62 0.63 27.11
N ASP A 265 14.06 0.82 28.31
CA ASP A 265 14.52 1.83 29.28
C ASP A 265 16.02 1.79 29.51
N GLU A 266 16.54 0.58 29.53
CA GLU A 266 17.96 0.34 29.52
C GLU A 266 18.62 1.16 28.47
N ILE A 267 18.32 0.80 27.24
CA ILE A 267 18.97 1.37 26.06
C ILE A 267 18.76 2.88 25.99
N ILE A 268 17.53 3.33 26.32
CA ILE A 268 17.20 4.76 26.35
C ILE A 268 18.17 5.54 27.23
N SER A 269 18.44 5.02 28.43
CA SER A 269 19.21 5.75 29.45
C SER A 269 20.71 5.80 29.16
N LYS A 270 21.20 4.80 28.42
CA LYS A 270 22.62 4.72 28.07
C LYS A 270 23.00 5.67 26.94
N ASN A 271 22.03 6.11 26.14
CA ASN A 271 22.34 6.99 25.00
C ASN A 271 21.77 8.39 25.10
N LYS A 272 22.61 9.39 24.88
CA LYS A 272 22.20 10.79 24.96
C LYS A 272 21.07 11.09 23.99
N GLU A 273 21.27 10.74 22.72
CA GLU A 273 20.22 10.92 21.70
C GLU A 273 18.85 10.33 22.12
N LEU A 274 18.87 9.10 22.63
CA LEU A 274 17.65 8.43 23.08
C LEU A 274 17.00 9.14 24.28
N ARG A 275 17.79 9.54 25.27
CA ARG A 275 17.27 10.27 26.41
C ARG A 275 16.73 11.63 26.04
N LEU A 276 17.40 12.29 25.11
CA LEU A 276 16.85 13.47 24.45
C LEU A 276 15.40 13.19 24.02
N TYR A 278 13.38 10.80 24.71
CA TYR A 278 12.54 10.33 25.78
C TYR A 278 11.93 11.43 26.60
N VAL A 279 12.73 12.43 26.90
CA VAL A 279 12.35 13.56 27.73
C VAL A 279 11.43 14.56 27.02
N ASN A 280 11.61 14.71 25.72
CA ASN A 280 10.67 15.44 24.93
C ASN A 280 9.29 14.83 24.71
N CYS A 281 9.15 13.52 24.89
CA CYS A 281 7.85 12.90 24.81
C CYS A 281 7.15 13.19 26.10
N VAL A 282 7.97 13.31 27.12
CA VAL A 282 7.54 12.92 28.41
C VAL A 282 6.76 14.05 28.98
N LYS A 283 6.88 15.22 28.36
CA LYS A 283 6.16 16.40 28.82
C LYS A 283 4.67 16.30 28.51
N GLY B 1 46.21 14.67 21.39
CA GLY B 1 45.03 13.92 20.99
C GLY B 1 43.74 14.35 21.65
N ASP B 3 39.58 15.32 22.44
CA ASP B 3 38.22 14.76 22.49
C ASP B 3 37.22 15.82 22.99
N LEU B 4 36.33 16.27 22.10
CA LEU B 4 35.43 17.39 22.36
C LEU B 4 34.05 16.94 22.79
N SER B 5 33.85 15.65 22.84
CA SER B 5 32.49 15.07 22.96
C SER B 5 31.72 15.48 24.22
N ARG B 6 32.42 16.04 25.20
CA ARG B 6 31.83 16.38 26.48
C ARG B 6 31.62 17.88 26.60
N ILE B 7 31.82 18.57 25.48
CA ILE B 7 31.80 20.03 25.41
C ILE B 7 30.54 20.65 26.02
N ASN B 8 29.42 19.95 25.93
CA ASN B 8 28.16 20.47 26.42
C ASN B 8 28.12 20.54 27.93
N THR B 9 29.11 19.95 28.60
CA THR B 9 29.13 19.98 30.07
C THR B 9 30.18 20.95 30.62
N TRP B 10 31.00 21.51 29.73
CA TRP B 10 32.02 22.47 30.08
C TRP B 10 31.39 23.73 30.67
N LYS B 11 32.06 24.31 31.66
CA LYS B 11 31.77 25.61 32.21
C LYS B 11 32.54 26.72 31.50
N SER B 12 32.16 27.95 31.74
CA SER B 12 32.71 29.14 31.07
C SER B 12 34.23 29.18 30.93
N LYS B 13 34.95 29.04 32.05
CA LYS B 13 36.42 29.07 32.06
C LYS B 13 37.06 28.16 31.00
N GLN B 14 36.66 26.88 30.98
CA GLN B 14 37.21 25.89 30.05
C GLN B 14 36.85 26.14 28.57
N LEU B 15 35.62 26.58 28.33
CA LEU B 15 35.17 26.95 26.99
C LEU B 15 35.89 28.19 26.50
N LYS B 16 35.96 29.21 27.35
CA LYS B 16 36.59 30.47 27.00
C LYS B 16 38.02 30.29 26.63
N SER B 17 38.69 29.45 27.37
CA SER B 17 40.04 29.13 27.07
C SER B 17 40.13 28.40 25.78
N PHE B 18 39.26 27.42 25.59
CA PHE B 18 39.28 26.59 24.41
C PHE B 18 39.15 27.45 23.17
N LEU B 19 38.27 28.40 23.26
CA LEU B 19 37.96 29.22 22.12
C LEU B 19 39.07 30.21 21.77
N SER B 20 39.93 30.47 22.72
CA SER B 20 41.17 31.23 22.55
C SER B 20 42.27 30.42 21.88
N SER B 21 42.25 29.10 22.09
CA SER B 21 43.31 28.20 21.60
C SER B 21 43.36 28.08 20.06
N LYS B 22 44.43 27.50 19.58
CA LYS B 22 44.60 27.22 18.17
C LYS B 22 43.77 26.03 17.73
N ASP B 23 43.14 25.37 18.68
CA ASP B 23 42.39 24.13 18.44
C ASP B 23 40.91 24.37 18.23
N THR B 24 40.45 25.57 18.36
CA THR B 24 39.08 25.73 18.56
C THR B 24 38.19 25.23 17.42
N PHE B 25 38.69 25.15 16.19
CA PHE B 25 37.84 24.72 15.09
C PHE B 25 38.34 23.45 14.39
N LYS B 26 39.11 22.68 15.13
CA LYS B 26 39.64 21.43 14.63
C LYS B 26 38.66 20.33 14.87
N ALA B 27 38.76 19.26 14.10
CA ALA B 27 37.97 18.05 14.39
C ALA B 27 38.68 17.24 15.46
N ASP B 28 37.94 16.54 16.33
CA ASP B 28 38.58 15.73 17.38
C ASP B 28 39.00 14.32 16.89
N VAL B 29 39.35 13.43 17.82
CA VAL B 29 39.74 12.04 17.48
C VAL B 29 38.59 11.20 16.91
N HIS B 30 37.34 11.60 17.16
CA HIS B 30 36.20 10.93 16.56
C HIS B 30 35.86 11.60 15.23
N GLY B 31 36.55 12.69 14.92
CA GLY B 31 36.33 13.38 13.66
C GLY B 31 35.26 14.45 13.70
N HIS B 32 34.87 14.90 14.89
CA HIS B 32 33.86 15.97 15.02
C HIS B 32 34.41 17.25 15.64
N SER B 33 33.87 18.38 15.17
CA SER B 33 34.15 19.68 15.75
C SER B 33 33.23 19.96 16.94
N ALA B 34 33.52 21.06 17.63
CA ALA B 34 32.72 21.56 18.73
C ALA B 34 31.29 21.95 18.30
N SER B 35 31.17 22.59 17.13
CA SER B 35 29.84 22.94 16.55
C SER B 35 28.99 21.66 16.37
N TYR B 36 29.60 20.60 15.81
CA TYR B 36 28.94 19.32 15.65
C TYR B 36 28.29 18.82 16.98
N TYR B 37 29.06 18.74 18.06
CA TYR B 37 28.48 18.31 19.36
C TYR B 37 27.39 19.25 19.94
N ALA B 38 27.52 20.55 19.71
CA ALA B 38 26.57 21.56 20.24
C ALA B 38 25.26 21.40 19.52
N ILE B 39 25.36 21.26 18.20
CA ILE B 39 24.20 21.01 17.38
C ILE B 39 23.51 19.69 17.74
N ALA B 40 24.29 18.62 17.85
CA ALA B 40 23.74 17.30 18.12
C ALA B 40 22.91 17.28 19.43
N ASP B 41 23.36 18.04 20.43
CA ASP B 41 22.64 18.14 21.71
C ASP B 41 21.56 19.22 21.73
N ASN B 42 21.29 19.86 20.59
CA ASN B 42 20.40 21.04 20.54
C ASN B 42 20.81 22.13 21.54
N ASN B 43 22.12 22.37 21.68
CA ASN B 43 22.60 23.35 22.65
C ASN B 43 22.71 24.70 21.97
N VAL B 44 21.56 25.37 21.89
CA VAL B 44 21.40 26.60 21.10
C VAL B 44 22.38 27.67 21.56
N ARG B 45 22.44 27.85 22.88
CA ARG B 45 23.30 28.83 23.56
C ARG B 45 24.78 28.56 23.23
N LEU B 46 25.21 27.30 23.30
CA LEU B 46 26.58 26.94 22.94
C LEU B 46 26.82 27.16 21.45
N VAL B 47 25.91 26.67 20.61
CA VAL B 47 26.00 26.89 19.15
C VAL B 47 26.32 28.34 18.84
N CYS B 48 25.54 29.25 19.43
CA CYS B 48 25.68 30.67 19.18
C CYS B 48 26.99 31.23 19.68
N THR B 49 27.43 30.76 20.84
CA THR B 49 28.73 31.16 21.39
C THR B 49 29.82 30.74 20.38
N LEU B 50 29.69 29.53 19.84
CA LEU B 50 30.65 29.06 18.83
C LEU B 50 30.58 29.91 17.57
N LEU B 51 29.37 30.28 17.16
CA LEU B 51 29.20 31.14 16.00
C LEU B 51 29.80 32.52 16.22
N ASN B 52 29.61 33.08 17.42
CA ASN B 52 30.18 34.40 17.81
C ASN B 52 31.71 34.38 17.77
N ALA B 53 32.31 33.22 18.04
CA ALA B 53 33.76 33.05 17.98
C ALA B 53 34.28 32.80 16.55
N GLY B 54 33.39 32.63 15.57
CA GLY B 54 33.81 32.44 14.17
C GLY B 54 33.82 31.01 13.64
N ALA B 55 32.98 30.14 14.20
CA ALA B 55 32.96 28.74 13.80
C ALA B 55 32.61 28.52 12.32
N LEU B 56 31.69 29.33 11.76
CA LEU B 56 31.28 29.17 10.36
C LEU B 56 32.27 29.65 9.28
N LYS B 57 33.26 30.42 9.72
CA LYS B 57 34.32 30.90 8.83
C LYS B 57 35.45 29.86 8.78
N ASN B 58 35.36 28.87 9.66
CA ASN B 58 36.39 27.83 9.78
C ASN B 58 35.85 26.39 9.67
N LEU B 59 34.80 26.18 8.89
CA LEU B 59 34.24 24.84 8.74
C LEU B 59 35.19 23.95 7.97
N LEU B 60 35.25 22.68 8.36
CA LEU B 60 35.97 21.63 7.63
C LEU B 60 35.20 21.14 6.38
N GLU B 61 35.88 20.38 5.56
CA GLU B 61 35.40 20.07 4.25
C GLU B 61 34.24 19.06 4.27
N ASN B 62 34.10 18.35 5.37
CA ASN B 62 33.06 17.36 5.59
C ASN B 62 31.96 17.82 6.56
N GLU B 63 31.95 19.09 6.97
CA GLU B 63 30.90 19.51 7.86
C GLU B 63 29.82 20.34 7.24
N PHE B 64 28.60 19.91 7.46
CA PHE B 64 27.41 20.54 6.90
C PHE B 64 26.40 20.79 8.00
N PRO B 65 26.58 21.89 8.77
CA PRO B 65 25.79 22.20 9.97
C PRO B 65 24.30 22.38 9.73
N LEU B 66 23.94 22.88 8.56
CA LEU B 66 22.53 23.09 8.22
C LEU B 66 21.83 21.75 8.07
N HIS B 67 22.49 20.84 7.34
CA HIS B 67 22.03 19.45 7.15
C HIS B 67 21.91 18.71 8.48
N GLN B 68 22.85 18.97 9.39
CA GLN B 68 22.79 18.41 10.72
C GLN B 68 21.65 19.02 11.55
N ALA B 69 21.52 20.35 11.52
CA ALA B 69 20.46 21.03 12.27
C ALA B 69 19.07 20.65 11.77
N ALA B 70 18.96 20.25 10.49
CA ALA B 70 17.68 19.84 9.88
C ALA B 70 17.06 18.56 10.46
N THR B 71 17.90 17.75 11.11
CA THR B 71 17.45 16.53 11.81
C THR B 71 16.89 16.82 13.21
N LEU B 72 17.08 18.02 13.72
CA LEU B 72 16.53 18.39 15.04
C LEU B 72 15.07 18.80 14.94
N GLU B 73 14.26 18.42 15.92
CA GLU B 73 12.86 18.83 15.97
C GLU B 73 12.66 20.33 16.23
N ASP B 74 13.41 20.89 17.19
CA ASP B 74 13.48 22.34 17.38
C ASP B 74 14.18 22.99 16.15
N THR B 75 13.47 23.91 15.51
CA THR B 75 13.99 24.55 14.31
C THR B 75 14.91 25.74 14.56
N LYS B 76 15.24 26.00 15.81
CA LYS B 76 15.94 27.23 16.20
C LYS B 76 17.36 27.34 15.63
N ILE B 77 18.15 26.26 15.70
CA ILE B 77 19.51 26.26 15.10
C ILE B 77 19.42 26.49 13.58
N VAL B 78 18.40 25.94 12.94
CA VAL B 78 18.20 26.13 11.50
C VAL B 78 17.94 27.62 11.21
N LYS B 79 17.03 28.24 11.97
CA LYS B 79 16.84 29.67 11.88
C LYS B 79 18.16 30.41 12.10
N ILE B 80 18.89 30.07 13.16
CA ILE B 80 20.13 30.78 13.48
C ILE B 80 21.12 30.69 12.31
N LEU B 81 21.31 29.47 11.78
CA LEU B 81 22.28 29.21 10.69
C LEU B 81 21.94 29.91 9.36
N LEU B 82 20.64 30.08 9.10
CA LEU B 82 20.19 30.80 7.91
C LEU B 82 20.46 32.29 8.09
N PHE B 83 20.20 32.80 9.30
CA PHE B 83 20.49 34.18 9.62
C PHE B 83 21.99 34.47 9.47
N SER B 84 22.82 33.48 9.75
CA SER B 84 24.26 33.60 9.64
C SER B 84 24.74 33.55 8.21
N GLY B 85 23.83 33.24 7.29
CA GLY B 85 24.15 33.30 5.88
C GLY B 85 24.43 31.98 5.21
N LEU B 86 24.18 30.85 5.89
CA LEU B 86 24.32 29.52 5.22
C LEU B 86 23.33 29.38 4.10
N ASP B 87 23.75 28.64 3.07
CA ASP B 87 22.99 28.49 1.82
C ASP B 87 22.06 27.27 1.92
N ASP B 88 20.75 27.51 1.81
CA ASP B 88 19.76 26.46 1.96
C ASP B 88 19.72 25.44 0.82
N SER B 89 20.35 25.77 -0.30
CA SER B 89 20.36 24.86 -1.44
C SER B 89 21.66 24.06 -1.59
N GLN B 90 22.56 24.18 -0.62
CA GLN B 90 23.84 23.49 -0.67
C GLN B 90 23.67 21.98 -0.58
N PHE B 91 24.44 21.24 -1.37
CA PHE B 91 24.48 19.78 -1.25
C PHE B 91 25.57 19.40 -0.30
N ASP B 92 25.43 18.28 0.39
CA ASP B 92 26.52 17.78 1.20
C ASP B 92 27.31 16.76 0.36
N ASP B 93 28.12 15.94 1.01
CA ASP B 93 28.94 14.96 0.27
C ASP B 93 28.15 13.75 -0.25
N LYS B 94 26.84 13.76 -0.05
CA LYS B 94 25.99 12.72 -0.61
C LYS B 94 24.95 13.32 -1.57
N GLY B 95 25.11 14.60 -1.90
CA GLY B 95 24.25 15.25 -2.88
C GLY B 95 22.85 15.63 -2.38
N ASN B 96 22.72 15.78 -1.06
CA ASN B 96 21.45 16.03 -0.43
C ASN B 96 21.42 17.43 0.10
N THR B 97 20.25 18.05 0.05
CA THR B 97 20.03 19.32 0.69
C THR B 97 19.69 19.14 2.19
N ALA B 98 19.57 20.24 2.93
CA ALA B 98 19.14 20.18 4.32
C ALA B 98 17.65 19.77 4.42
N LEU B 99 16.83 20.23 3.47
CA LEU B 99 15.42 19.83 3.38
C LEU B 99 15.25 18.30 3.32
N TYR B 100 16.15 17.63 2.61
CA TYR B 100 16.08 16.19 2.45
C TYR B 100 16.13 15.49 3.82
N TYR B 101 16.99 16.01 4.69
CA TYR B 101 17.18 15.44 6.01
C TYR B 101 16.02 15.79 6.94
N ALA B 102 15.39 16.93 6.71
CA ALA B 102 14.16 17.26 7.45
C ALA B 102 13.07 16.26 7.03
N VAL B 103 12.97 15.94 5.75
CA VAL B 103 12.02 14.89 5.30
C VAL B 103 12.36 13.53 5.93
N ASP B 104 13.62 13.14 5.81
CA ASP B 104 14.10 11.86 6.28
C ASP B 104 13.99 11.68 7.79
N SER B 105 13.98 12.79 8.53
CA SER B 105 13.77 12.79 9.98
C SER B 105 12.29 13.01 10.34
N GLY B 106 11.49 13.34 9.34
CA GLY B 106 10.07 13.64 9.53
C GLY B 106 9.84 14.87 10.39
N ASN B 107 10.67 15.90 10.25
CA ASN B 107 10.44 17.17 10.96
C ASN B 107 9.60 18.12 10.11
N GLN B 109 7.90 20.86 10.78
CA GLN B 109 8.13 22.30 11.00
C GLN B 109 9.35 22.80 10.29
N THR B 110 10.39 21.97 10.22
CA THR B 110 11.56 22.32 9.42
C THR B 110 11.32 22.17 7.91
N VAL B 111 10.53 21.17 7.51
CA VAL B 111 10.06 21.08 6.14
C VAL B 111 9.31 22.38 5.79
N LYS B 112 8.31 22.78 6.57
CA LYS B 112 7.55 24.02 6.27
C LYS B 112 8.44 25.28 6.23
N LEU B 113 9.50 25.29 7.05
CA LEU B 113 10.42 26.41 7.16
C LEU B 113 11.16 26.66 5.83
N PHE B 114 11.70 25.60 5.26
CA PHE B 114 12.52 25.70 4.07
C PHE B 114 11.64 25.96 2.87
N VAL B 115 10.46 25.34 2.85
CA VAL B 115 9.54 25.48 1.75
C VAL B 115 8.88 26.87 1.65
N LYS B 116 8.61 27.52 2.79
CA LYS B 116 8.14 28.92 2.80
C LYS B 116 9.23 29.86 2.30
N LYS B 117 10.50 29.53 2.57
CA LYS B 117 11.65 30.30 2.05
C LYS B 117 11.74 30.24 0.53
N ASN B 118 11.86 29.04 -0.04
CA ASN B 118 11.54 28.79 -1.45
C ASN B 118 11.17 27.37 -1.76
N TRP B 119 10.00 27.28 -2.36
CA TRP B 119 9.36 26.04 -2.66
C TRP B 119 10.22 25.20 -3.58
N ARG B 120 11.08 25.85 -4.35
CA ARG B 120 11.93 25.17 -5.34
C ARG B 120 12.91 24.20 -4.73
N LEU B 121 13.26 24.43 -3.46
CA LEU B 121 14.14 23.55 -2.67
C LEU B 121 13.71 22.07 -2.67
N PHE B 123 12.79 20.31 -5.02
CA PHE B 123 13.24 19.65 -6.24
C PHE B 123 14.74 19.74 -6.51
N TYR B 124 15.53 20.19 -5.52
CA TYR B 124 16.99 20.22 -5.63
C TYR B 124 17.65 18.93 -5.11
N GLY B 125 18.62 18.45 -5.87
CA GLY B 125 19.37 17.26 -5.49
C GLY B 125 20.30 16.87 -6.62
N LYS B 126 21.38 16.17 -6.30
CA LYS B 126 22.33 15.78 -7.34
C LYS B 126 21.65 14.92 -8.44
N THR B 127 20.76 14.02 -8.04
CA THR B 127 19.93 13.19 -8.93
C THR B 127 18.45 13.44 -8.65
N GLY B 128 17.58 13.07 -9.58
CA GLY B 128 16.12 13.09 -9.36
C GLY B 128 15.73 12.27 -8.14
N TRP B 129 16.47 11.21 -7.89
CA TRP B 129 16.26 10.29 -6.80
C TRP B 129 16.78 10.81 -5.47
N LYS B 130 17.51 11.91 -5.51
CA LYS B 130 17.98 12.60 -4.31
C LYS B 130 17.18 13.86 -3.92
N THR B 131 16.11 14.18 -4.66
CA THR B 131 15.23 15.31 -4.29
C THR B 131 14.35 15.02 -3.09
N SER B 132 14.08 16.07 -2.32
CA SER B 132 13.26 15.96 -1.14
C SER B 132 11.83 15.52 -1.46
N PHE B 133 11.32 15.98 -2.59
CA PHE B 133 10.03 15.49 -3.09
C PHE B 133 10.03 13.99 -3.37
N TYR B 134 11.03 13.49 -4.08
CA TYR B 134 11.04 12.07 -4.41
C TYR B 134 11.23 11.19 -3.15
N HIS B 135 12.08 11.66 -2.25
CA HIS B 135 12.36 10.95 -1.00
C HIS B 135 11.09 10.87 -0.12
N ALA B 136 10.34 11.97 -0.03
CA ALA B 136 9.01 11.94 0.61
C ALA B 136 8.07 10.89 0.00
N VAL B 137 8.01 10.86 -1.34
CA VAL B 137 7.24 9.86 -2.06
C VAL B 137 7.75 8.43 -1.76
N LEU B 139 9.29 7.28 0.77
CA LEU B 139 9.07 6.92 2.16
C LEU B 139 7.60 6.72 2.48
N ASN B 140 6.75 6.93 1.48
CA ASN B 140 5.31 6.94 1.64
C ASN B 140 4.86 7.90 2.72
N ASP B 141 5.53 9.06 2.80
CA ASP B 141 5.13 10.10 3.74
C ASP B 141 4.04 10.99 3.14
N VAL B 142 2.82 10.50 3.24
CA VAL B 142 1.70 11.15 2.63
C VAL B 142 1.45 12.59 3.14
N SER B 143 1.73 12.86 4.42
CA SER B 143 1.63 14.23 4.95
C SER B 143 2.59 15.21 4.35
N ILE B 144 3.87 14.83 4.25
CA ILE B 144 4.85 15.73 3.66
C ILE B 144 4.51 15.99 2.20
N VAL B 145 4.19 14.95 1.43
CA VAL B 145 3.89 15.13 0.01
C VAL B 145 2.62 15.96 -0.23
N SER B 146 1.59 15.74 0.57
CA SER B 146 0.36 16.54 0.50
C SER B 146 0.69 18.00 0.73
N TYR B 147 1.62 18.24 1.67
CA TYR B 147 2.07 19.59 1.95
C TYR B 147 2.88 20.17 0.78
N PHE B 148 3.84 19.41 0.28
CA PHE B 148 4.64 19.84 -0.88
C PHE B 148 3.76 20.27 -2.05
N LEU B 149 2.78 19.44 -2.40
CA LEU B 149 1.92 19.73 -3.54
C LEU B 149 1.09 21.00 -3.33
N SER B 150 0.71 21.29 -2.09
CA SER B 150 -0.05 22.50 -1.79
C SER B 150 0.76 23.78 -1.97
N GLU B 151 2.07 23.60 -2.18
CA GLU B 151 3.04 24.71 -2.31
C GLU B 151 3.68 24.82 -3.70
N ILE B 152 3.33 23.91 -4.62
CA ILE B 152 3.73 24.06 -6.02
C ILE B 152 2.82 25.08 -6.74
N PRO B 153 3.41 26.14 -7.32
CA PRO B 153 2.58 27.11 -8.05
C PRO B 153 1.97 26.50 -9.30
N SER B 154 0.76 26.93 -9.64
CA SER B 154 0.17 26.45 -10.88
C SER B 154 1.11 26.71 -12.08
N THR B 155 1.90 27.79 -12.02
CA THR B 155 2.88 28.17 -13.05
C THR B 155 3.96 27.10 -13.32
N PHE B 156 3.88 26.00 -12.58
CA PHE B 156 4.91 24.99 -12.61
C PHE B 156 4.29 23.61 -12.80
N ASP B 157 5.05 22.88 -13.60
CA ASP B 157 4.80 21.54 -14.02
C ASP B 157 5.87 20.63 -13.40
N LEU B 158 5.43 19.72 -12.54
CA LEU B 158 6.31 18.70 -11.98
C LEU B 158 6.97 17.88 -13.09
N ALA B 159 8.30 17.96 -13.17
CA ALA B 159 9.07 17.12 -14.11
C ALA B 159 9.23 15.62 -13.72
N ILE B 160 9.50 15.34 -12.43
CA ILE B 160 9.91 14.06 -11.86
C ILE B 160 8.72 13.18 -11.55
N LEU B 161 7.55 13.59 -11.97
CA LEU B 161 6.34 12.82 -11.82
C LEU B 161 6.32 11.36 -12.24
N LEU B 162 7.10 10.95 -13.22
CA LEU B 162 7.06 9.58 -13.70
C LEU B 162 7.79 8.63 -12.82
N SER B 163 8.88 9.09 -12.23
CA SER B 163 9.64 8.26 -11.30
C SER B 163 8.85 8.03 -10.02
N CYS B 164 8.08 9.05 -9.62
CA CYS B 164 7.25 8.98 -8.43
C CYS B 164 6.12 7.97 -8.60
N ILE B 165 5.44 8.04 -9.72
CA ILE B 165 4.34 7.13 -10.06
C ILE B 165 4.84 5.69 -10.06
N HIS B 166 5.99 5.47 -10.67
CA HIS B 166 6.58 4.15 -10.71
C HIS B 166 6.77 3.53 -9.31
N ILE B 167 7.46 4.24 -8.43
CA ILE B 167 7.79 3.69 -7.11
C ILE B 167 6.51 3.49 -6.28
N THR B 168 5.58 4.43 -6.39
CA THR B 168 4.26 4.32 -5.79
C THR B 168 3.48 3.07 -6.23
N ILE B 169 3.30 2.84 -7.54
CA ILE B 169 2.56 1.65 -8.02
C ILE B 169 3.30 0.38 -7.62
N LYS B 170 4.61 0.36 -7.89
CA LYS B 170 5.46 -0.76 -7.55
C LYS B 170 5.29 -1.25 -6.11
N ASN B 171 5.19 -0.33 -5.15
CA ASN B 171 5.18 -0.67 -3.73
C ASN B 171 3.80 -0.51 -3.05
N GLY B 172 2.77 -0.31 -3.85
CA GLY B 172 1.40 -0.45 -3.36
C GLY B 172 0.88 0.69 -2.51
N HIS B 173 1.35 1.91 -2.77
CA HIS B 173 1.01 3.04 -1.93
C HIS B 173 -0.20 3.79 -2.49
N VAL B 174 -1.38 3.33 -2.16
CA VAL B 174 -2.54 3.85 -2.82
C VAL B 174 -2.97 5.27 -2.47
N ASP B 175 -2.80 5.66 -1.22
CA ASP B 175 -3.10 7.04 -0.83
C ASP B 175 -2.15 8.03 -1.50
N ILE B 178 -3.25 8.41 -5.16
CA ILE B 178 -4.43 9.29 -5.21
C ILE B 178 -4.03 10.77 -5.16
N LEU B 179 -3.08 11.10 -4.30
CA LEU B 179 -2.51 12.44 -4.28
C LEU B 179 -1.88 12.85 -5.61
N LEU B 180 -1.06 11.96 -6.18
CA LEU B 180 -0.37 12.22 -7.46
C LEU B 180 -1.38 12.34 -8.59
N LEU B 181 -2.40 11.49 -8.56
CA LEU B 181 -3.50 11.52 -9.52
C LEU B 181 -4.40 12.76 -9.41
N ASP B 182 -4.64 13.24 -8.19
CA ASP B 182 -5.43 14.48 -8.01
C ASP B 182 -4.65 15.66 -8.56
N TYR B 183 -3.35 15.63 -8.35
CA TYR B 183 -2.50 16.66 -8.85
C TYR B 183 -2.41 16.63 -10.39
N THR B 185 -4.66 15.47 -12.44
CA THR B 185 -5.97 15.86 -12.91
C THR B 185 -6.15 17.38 -12.86
N SER B 186 -5.69 18.00 -11.77
CA SER B 186 -5.96 19.40 -11.56
C SER B 186 -5.05 20.29 -12.42
N THR B 187 -3.93 19.74 -12.89
CA THR B 187 -3.00 20.47 -13.73
C THR B 187 -3.03 19.95 -15.18
N ASN B 188 -4.11 19.26 -15.52
CA ASN B 188 -4.27 18.66 -16.83
C ASN B 188 -4.74 19.72 -17.82
N THR B 189 -3.80 20.56 -18.22
CA THR B 189 -4.11 21.78 -18.96
C THR B 189 -4.48 21.50 -20.43
N ASN B 190 -3.93 20.43 -20.99
CA ASN B 190 -4.29 20.04 -22.36
C ASN B 190 -5.45 19.06 -22.41
N ASN B 191 -6.05 18.80 -21.24
CA ASN B 191 -7.25 17.96 -21.11
C ASN B 191 -7.19 16.60 -21.82
N SER B 192 -6.03 15.93 -21.74
CA SER B 192 -5.89 14.62 -22.36
C SER B 192 -6.07 13.51 -21.31
N LEU B 193 -6.08 12.26 -21.75
CA LEU B 193 -6.06 11.12 -20.82
C LEU B 193 -4.73 11.09 -20.11
N LEU B 194 -4.74 10.61 -18.86
CA LEU B 194 -3.55 10.60 -18.02
C LEU B 194 -2.64 9.44 -18.39
N PHE B 195 -1.40 9.76 -18.69
CA PHE B 195 -0.40 8.75 -18.98
C PHE B 195 0.14 8.16 -17.68
N ILE B 196 -0.26 6.94 -17.39
CA ILE B 196 0.27 6.22 -16.23
C ILE B 196 1.20 5.14 -16.79
N PRO B 197 2.52 5.32 -16.58
CA PRO B 197 3.45 4.36 -17.17
C PRO B 197 3.16 2.94 -16.68
N ASP B 198 3.22 2.74 -15.37
CA ASP B 198 3.25 1.37 -14.82
C ASP B 198 1.90 0.74 -14.48
N ILE B 199 0.86 1.11 -15.22
CA ILE B 199 -0.42 0.45 -15.07
C ILE B 199 -0.30 -1.09 -15.22
N LYS B 200 0.53 -1.56 -16.14
CA LYS B 200 0.89 -2.96 -16.27
C LYS B 200 1.35 -3.62 -14.99
N LEU B 201 2.07 -2.88 -14.22
CA LEU B 201 2.56 -3.33 -12.91
C LEU B 201 1.43 -3.61 -11.91
N ALA B 202 0.42 -2.74 -11.90
CA ALA B 202 -0.71 -2.90 -10.98
C ALA B 202 -1.58 -4.10 -11.40
N ILE B 203 -1.77 -4.27 -12.73
CA ILE B 203 -2.41 -5.45 -13.33
C ILE B 203 -1.70 -6.73 -12.90
N ASP B 204 -0.37 -6.80 -13.09
CA ASP B 204 0.42 -8.00 -12.75
C ASP B 204 0.34 -8.38 -11.28
N ASN B 205 0.32 -7.38 -10.39
CA ASN B 205 0.22 -7.61 -8.95
C ASN B 205 -1.21 -7.86 -8.54
N LYS B 206 -2.14 -7.43 -9.38
CA LYS B 206 -3.56 -7.54 -9.04
C LYS B 206 -3.85 -7.02 -7.64
N ASP B 207 -3.57 -5.73 -7.41
CA ASP B 207 -3.90 -5.03 -6.18
C ASP B 207 -5.23 -4.38 -6.48
N ILE B 208 -6.30 -4.97 -5.95
CA ILE B 208 -7.66 -4.52 -6.27
C ILE B 208 -7.93 -3.08 -5.82
N GLU B 209 -7.49 -2.68 -4.61
CA GLU B 209 -7.69 -1.31 -4.16
C GLU B 209 -6.92 -0.28 -5.02
N LEU B 211 -5.91 -0.73 -8.30
CA LEU B 211 -6.62 -0.68 -9.57
C LEU B 211 -7.94 0.09 -9.52
N GLN B 212 -8.75 -0.15 -8.50
CA GLN B 212 -10.01 0.58 -8.33
C GLN B 212 -9.78 2.08 -8.24
N ALA B 213 -8.72 2.48 -7.53
CA ALA B 213 -8.36 3.88 -7.37
C ALA B 213 -7.87 4.48 -8.68
N LEU B 214 -7.00 3.77 -9.40
CA LEU B 214 -6.57 4.19 -10.74
C LEU B 214 -7.76 4.44 -11.68
N PHE B 215 -8.72 3.53 -11.69
CA PHE B 215 -9.81 3.56 -12.68
C PHE B 215 -10.88 4.59 -12.37
N LYS B 216 -10.73 5.29 -11.26
CA LYS B 216 -11.63 6.39 -10.96
C LYS B 216 -11.27 7.61 -11.76
N TYR B 217 -10.06 7.65 -12.32
CA TYR B 217 -9.49 8.82 -13.02
C TYR B 217 -9.49 8.58 -14.53
N ASP B 218 -9.34 9.65 -15.29
CA ASP B 218 -9.37 9.55 -16.77
C ASP B 218 -8.01 9.09 -17.29
N ILE B 219 -7.69 7.84 -16.99
CA ILE B 219 -6.39 7.28 -17.35
C ILE B 219 -6.37 6.78 -18.78
N ASN B 220 -5.20 6.86 -19.39
CA ASN B 220 -5.00 6.36 -20.74
C ASN B 220 -4.84 4.85 -20.74
N ILE B 221 -5.94 4.15 -21.03
CA ILE B 221 -5.95 2.69 -21.08
C ILE B 221 -5.49 2.18 -22.45
N TYR B 222 -5.16 3.11 -23.35
CA TYR B 222 -4.87 2.75 -24.74
C TYR B 222 -3.38 2.68 -25.07
N SER B 223 -2.59 3.54 -24.46
CA SER B 223 -1.17 3.58 -24.76
C SER B 223 -0.40 2.65 -23.83
N ALA B 224 -1.07 1.59 -23.36
CA ALA B 224 -0.43 0.59 -22.51
C ALA B 224 -0.43 -0.80 -23.14
N ASN B 225 -0.94 -0.88 -24.36
CA ASN B 225 -1.23 -2.16 -24.95
C ASN B 225 -1.90 -3.04 -23.96
N LEU B 226 -3.09 -2.63 -23.57
CA LEU B 226 -3.87 -3.30 -22.57
C LEU B 226 -4.80 -4.29 -23.22
N GLU B 227 -4.86 -4.28 -24.54
CA GLU B 227 -5.73 -5.19 -25.24
C GLU B 227 -5.13 -6.57 -25.16
N ASN B 228 -3.84 -6.65 -24.94
CA ASN B 228 -3.20 -7.93 -24.79
C ASN B 228 -3.60 -8.67 -23.53
N VAL B 229 -4.10 -7.94 -22.56
CA VAL B 229 -4.37 -8.52 -21.23
C VAL B 229 -5.87 -8.79 -21.02
N LEU B 230 -6.70 -8.50 -22.02
CA LEU B 230 -8.14 -8.69 -21.88
C LEU B 230 -8.58 -10.16 -21.78
N LEU B 231 -7.72 -11.07 -22.21
CA LEU B 231 -8.00 -12.49 -22.14
C LEU B 231 -7.21 -13.13 -21.01
N ASP B 232 -6.59 -12.30 -20.18
CA ASP B 232 -5.79 -12.78 -19.07
C ASP B 232 -6.58 -13.00 -17.76
N ASP B 233 -7.05 -11.92 -17.15
CA ASP B 233 -7.78 -11.97 -15.88
C ASP B 233 -9.09 -11.22 -16.06
N ALA B 234 -10.18 -11.91 -15.77
CA ALA B 234 -11.51 -11.44 -16.16
C ALA B 234 -11.99 -10.28 -15.32
N GLU B 235 -11.67 -10.32 -14.03
CA GLU B 235 -12.02 -9.23 -13.12
C GLU B 235 -11.38 -7.92 -13.62
N ILE B 236 -10.12 -8.00 -14.04
CA ILE B 236 -9.43 -6.80 -14.52
C ILE B 236 -9.90 -6.39 -15.91
N ALA B 237 -10.07 -7.38 -16.79
CA ALA B 237 -10.58 -7.18 -18.14
C ALA B 237 -11.91 -6.45 -18.08
N LYS B 238 -12.76 -6.84 -17.14
CA LYS B 238 -14.04 -6.15 -16.93
C LYS B 238 -13.87 -4.67 -16.53
N ILE B 240 -11.34 -2.65 -17.41
CA ILE B 240 -10.82 -2.00 -18.63
C ILE B 240 -11.95 -1.75 -19.62
N ILE B 241 -12.79 -2.76 -19.83
CA ILE B 241 -13.92 -2.68 -20.72
C ILE B 241 -14.92 -1.63 -20.23
N GLU B 242 -15.21 -1.66 -18.94
CA GLU B 242 -16.09 -0.67 -18.31
C GLU B 242 -15.57 0.77 -18.53
N LYS B 243 -14.24 0.93 -18.48
CA LYS B 243 -13.59 2.23 -18.67
C LYS B 243 -13.72 2.68 -20.13
N HIS B 244 -13.34 1.79 -21.03
CA HIS B 244 -13.46 1.94 -22.47
C HIS B 244 -14.87 2.29 -22.91
N VAL B 245 -15.85 1.54 -22.42
CA VAL B 245 -17.25 1.85 -22.70
C VAL B 245 -17.60 3.28 -22.26
N GLU B 246 -17.20 3.67 -21.05
CA GLU B 246 -17.38 5.02 -20.55
C GLU B 246 -16.75 6.04 -21.47
N TYR B 247 -15.55 5.78 -21.93
CA TYR B 247 -14.83 6.73 -22.78
C TYR B 247 -15.54 6.97 -24.12
N LYS B 248 -16.28 5.97 -24.59
CA LYS B 248 -17.01 6.02 -25.84
C LYS B 248 -18.33 6.79 -25.70
N SER B 249 -18.77 7.04 -24.47
CA SER B 249 -19.98 7.86 -24.32
C SER B 249 -19.71 9.21 -23.65
N ASP B 250 -18.48 9.43 -23.19
CA ASP B 250 -18.15 10.69 -22.57
C ASP B 250 -17.74 11.69 -23.63
N SER B 251 -18.41 12.85 -23.63
CA SER B 251 -18.08 13.91 -24.59
C SER B 251 -16.64 14.43 -24.43
N TYR B 252 -16.10 14.30 -23.22
CA TYR B 252 -14.69 14.65 -22.92
C TYR B 252 -13.72 13.73 -23.67
N THR B 253 -14.18 12.55 -24.07
CA THR B 253 -13.26 11.52 -24.59
C THR B 253 -13.69 10.85 -25.91
N LYS B 254 -14.99 10.89 -26.22
CA LYS B 254 -15.55 10.06 -27.30
C LYS B 254 -15.02 10.41 -28.69
N ASP B 255 -14.58 11.65 -28.85
CA ASP B 255 -14.11 12.13 -30.14
C ASP B 255 -12.58 12.22 -30.23
N LEU B 256 -11.88 11.72 -29.20
CA LEU B 256 -10.41 11.63 -29.21
C LEU B 256 -9.93 10.60 -30.23
N ASP B 257 -8.83 10.92 -30.90
CA ASP B 257 -8.20 10.01 -31.86
C ASP B 257 -7.83 8.67 -31.23
N ILE B 258 -7.37 8.71 -29.97
CA ILE B 258 -6.96 7.54 -29.21
C ILE B 258 -8.13 6.59 -28.94
N VAL B 259 -9.31 7.16 -28.78
CA VAL B 259 -10.53 6.39 -28.50
C VAL B 259 -11.15 5.87 -29.79
N LYS B 260 -11.22 6.74 -30.80
CA LYS B 260 -11.75 6.42 -32.13
C LYS B 260 -10.99 5.26 -32.78
N ASN B 261 -9.69 5.31 -32.80
CA ASN B 261 -8.96 4.28 -33.49
C ASN B 261 -8.16 3.43 -32.57
N ASN B 262 -8.89 2.83 -31.66
CA ASN B 262 -8.35 1.93 -30.64
C ASN B 262 -8.23 0.48 -31.09
N LYS B 263 -7.31 -0.29 -30.52
CA LYS B 263 -7.19 -1.68 -30.87
C LYS B 263 -7.90 -2.65 -29.94
N LEU B 264 -8.68 -2.10 -29.03
CA LEU B 264 -9.50 -2.88 -28.09
C LEU B 264 -10.75 -3.47 -28.73
N ASP B 265 -11.55 -2.61 -29.37
CA ASP B 265 -12.80 -3.02 -30.03
C ASP B 265 -12.63 -4.25 -30.93
N GLU B 266 -11.45 -4.36 -31.55
CA GLU B 266 -11.09 -5.49 -32.39
C GLU B 266 -11.07 -6.79 -31.58
N ILE B 267 -10.43 -6.74 -30.43
CA ILE B 267 -10.26 -7.94 -29.61
C ILE B 267 -11.56 -8.32 -28.89
N ILE B 268 -12.33 -7.31 -28.49
CA ILE B 268 -13.63 -7.50 -27.84
C ILE B 268 -14.62 -8.20 -28.78
N SER B 269 -14.63 -7.81 -30.05
CA SER B 269 -15.57 -8.36 -31.04
C SER B 269 -15.30 -9.82 -31.39
N LYS B 270 -14.03 -10.20 -31.39
CA LYS B 270 -13.62 -11.55 -31.75
C LYS B 270 -13.88 -12.61 -30.64
N ASN B 271 -14.07 -12.16 -29.39
CA ASN B 271 -14.28 -13.07 -28.25
C ASN B 271 -15.65 -12.95 -27.57
N LYS B 272 -16.16 -14.06 -27.09
CA LYS B 272 -17.52 -14.09 -26.63
C LYS B 272 -17.73 -13.60 -25.21
N GLU B 273 -16.83 -13.96 -24.32
CA GLU B 273 -16.92 -13.44 -22.97
C GLU B 273 -16.79 -11.92 -22.99
N LEU B 274 -15.86 -11.41 -23.78
CA LEU B 274 -15.65 -9.97 -23.83
C LEU B 274 -16.87 -9.23 -24.37
N ARG B 275 -17.56 -9.86 -25.29
CA ARG B 275 -18.78 -9.30 -25.83
C ARG B 275 -19.86 -9.20 -24.79
N LEU B 276 -20.06 -10.27 -24.04
CA LEU B 276 -20.95 -10.22 -22.87
C LEU B 276 -20.62 -9.03 -21.95
N TYR B 278 -18.89 -6.21 -22.49
CA TYR B 278 -19.22 -4.98 -23.16
C TYR B 278 -20.68 -4.63 -23.06
N VAL B 279 -21.54 -5.50 -23.56
CA VAL B 279 -22.97 -5.14 -23.66
C VAL B 279 -23.65 -4.93 -22.30
N ASN B 280 -23.07 -5.53 -21.25
CA ASN B 280 -23.56 -5.32 -19.88
C ASN B 280 -23.08 -4.03 -19.25
N CYS B 281 -22.01 -3.48 -19.82
CA CYS B 281 -21.55 -2.13 -19.48
C CYS B 281 -22.46 -1.07 -20.10
N VAL B 282 -22.91 -1.34 -21.32
CA VAL B 282 -23.76 -0.42 -22.08
C VAL B 282 -25.11 -0.12 -21.37
N LYS B 283 -25.63 -1.07 -20.58
CA LYS B 283 -26.43 -0.71 -19.42
C LYS B 283 -26.18 -1.62 -18.22
#